data_3K3N
#
_entry.id   3K3N
#
_cell.length_a   52.238
_cell.length_b   52.583
_cell.length_c   134.930
_cell.angle_alpha   90.00
_cell.angle_beta   90.00
_cell.angle_gamma   90.00
#
_symmetry.space_group_name_H-M   'P 21 21 21'
#
loop_
_entity.id
_entity.type
_entity.pdbx_description
1 polymer 'PHD finger protein 8'
2 non-polymer 'FE (II) ION'
3 water water
#
_entity_poly.entity_id   1
_entity_poly.type   'polypeptide(L)'
_entity_poly.pdbx_seq_one_letter_code
;MTFVRELRSRTFDSSDEVILKPTGNQLTVEFLEENSFSVPILVLKKDGLGMTLPSPSFTVRDVEHYVGSDKEIDVIDVTR
QADCKMKLGDFVKYYYSGKREKVLNVISLEFSDTRLSNLVETPKIVRKLSWVENLWPEECVFERPNVQKYCLMSVRDSYT
DFHIDFGGTSVWYHVLKGEKIFYLIRPTNANLTLFECWSSSSNQNEMFFGDQVDKCYKCSVKQGQTLFIPTGWIHAVLTP
VDCLAFGGNFLHSLNIEMQLKAYEIEKRLSTADLFRFPNFETICWYVGKHILDIFRGLRENRRHPASYLVHGGKALNLAF
RAWTRKEALPDHEDEIPETVRTVQLIKDLAREIRLVEDIFQQNLEHHHHHH
;
_entity_poly.pdbx_strand_id   A
#
# COMPACT_ATOMS: atom_id res chain seq x y z
N ARG A 8 -0.98 22.01 -18.47
CA ARG A 8 -1.24 21.95 -17.00
C ARG A 8 -0.05 21.42 -16.21
N SER A 9 0.61 20.39 -16.75
CA SER A 9 1.71 19.73 -16.05
C SER A 9 3.08 20.27 -16.47
N ARG A 10 4.13 19.49 -16.19
CA ARG A 10 5.51 19.88 -16.46
C ARG A 10 6.20 18.83 -17.33
N THR A 11 7.52 18.70 -17.21
CA THR A 11 8.28 17.67 -17.91
C THR A 11 8.93 16.71 -16.90
N PHE A 12 8.78 15.42 -17.15
CA PHE A 12 9.20 14.37 -16.20
C PHE A 12 10.17 13.35 -16.81
N ASP A 13 10.80 12.56 -15.94
CA ASP A 13 11.74 11.52 -16.36
C ASP A 13 11.05 10.26 -16.86
N SER A 14 11.75 9.51 -17.70
CA SER A 14 11.21 8.35 -18.40
C SER A 14 10.96 7.14 -17.50
N SER A 15 9.68 6.88 -17.24
CA SER A 15 9.22 5.69 -16.51
C SER A 15 9.78 4.38 -17.09
N ASP A 16 9.84 4.30 -18.41
CA ASP A 16 10.26 3.09 -19.12
C ASP A 16 11.74 2.71 -18.87
N GLU A 17 12.41 3.47 -18.01
CA GLU A 17 13.81 3.19 -17.68
C GLU A 17 13.93 2.49 -16.33
N VAL A 18 12.89 2.59 -15.52
CA VAL A 18 12.89 2.09 -14.13
C VAL A 18 11.76 1.09 -13.92
N ILE A 19 10.60 1.39 -14.49
CA ILE A 19 9.41 0.55 -14.33
C ILE A 19 9.50 -0.76 -15.11
N LEU A 20 9.30 -1.88 -14.41
CA LEU A 20 9.26 -3.20 -15.02
C LEU A 20 7.91 -3.43 -15.68
N LYS A 21 7.93 -4.09 -16.84
CA LYS A 21 6.70 -4.41 -17.56
C LYS A 21 6.59 -5.90 -17.92
N PRO A 22 6.53 -6.78 -16.91
CA PRO A 22 6.37 -8.20 -17.22
C PRO A 22 4.94 -8.53 -17.65
N THR A 23 4.74 -9.74 -18.14
CA THR A 23 3.40 -10.28 -18.35
C THR A 23 2.83 -10.73 -16.99
N GLY A 24 1.53 -10.95 -16.93
CA GLY A 24 0.86 -11.47 -15.75
C GLY A 24 1.46 -12.75 -15.17
N ASN A 25 1.85 -13.67 -16.05
CA ASN A 25 2.43 -14.94 -15.64
C ASN A 25 3.85 -14.82 -15.09
N GLN A 26 4.57 -13.80 -15.54
CA GLN A 26 5.93 -13.52 -15.06
C GLN A 26 5.93 -12.91 -13.66
N LEU A 27 4.81 -12.30 -13.26
CA LEU A 27 4.73 -11.68 -11.94
C LEU A 27 4.43 -12.71 -10.86
N THR A 28 5.50 -13.34 -10.38
CA THR A 28 5.43 -14.36 -9.34
C THR A 28 6.18 -13.90 -8.10
N VAL A 29 6.01 -14.62 -7.01
CA VAL A 29 6.75 -14.36 -5.77
C VAL A 29 8.26 -14.42 -6.04
N GLU A 30 8.70 -15.45 -6.74
CA GLU A 30 10.12 -15.63 -7.08
C GLU A 30 10.67 -14.49 -7.91
N PHE A 31 9.84 -13.96 -8.82
CA PHE A 31 10.19 -12.80 -9.64
C PHE A 31 10.46 -11.57 -8.77
N LEU A 32 9.64 -11.38 -7.74
CA LEU A 32 9.81 -10.27 -6.80
C LEU A 32 10.92 -10.50 -5.80
N GLU A 33 11.17 -11.77 -5.46
CA GLU A 33 12.25 -12.12 -4.53
C GLU A 33 13.64 -11.86 -5.13
N GLU A 34 13.71 -11.81 -6.45
CA GLU A 34 14.97 -11.57 -7.17
C GLU A 34 15.33 -10.09 -7.22
N ASN A 35 14.32 -9.23 -7.30
CA ASN A 35 14.53 -7.77 -7.35
C ASN A 35 14.16 -7.02 -6.06
N SER A 36 13.68 -7.78 -5.06
CA SER A 36 13.22 -7.23 -3.78
C SER A 36 11.97 -6.32 -3.83
N PHE A 37 11.28 -6.30 -4.98
CA PHE A 37 10.13 -5.41 -5.25
C PHE A 37 10.48 -3.93 -5.04
N SER A 38 11.53 -3.46 -5.72
CA SER A 38 12.10 -2.13 -5.52
C SER A 38 11.55 -1.05 -6.43
N VAL A 39 10.93 -1.46 -7.54
CA VAL A 39 10.44 -0.50 -8.54
C VAL A 39 8.98 -0.79 -8.88
N PRO A 40 8.22 0.22 -9.32
CA PRO A 40 6.87 -0.08 -9.72
C PRO A 40 6.82 -1.05 -10.91
N ILE A 41 5.71 -1.77 -11.01
CA ILE A 41 5.51 -2.80 -12.01
C ILE A 41 4.21 -2.51 -12.74
N LEU A 42 4.31 -2.30 -14.06
CA LEU A 42 3.12 -2.10 -14.88
C LEU A 42 2.87 -3.29 -15.79
N VAL A 43 1.75 -3.96 -15.57
CA VAL A 43 1.32 -5.06 -16.43
C VAL A 43 0.26 -4.54 -17.39
N LEU A 44 0.56 -4.60 -18.68
CA LEU A 44 -0.30 -4.01 -19.71
C LEU A 44 -1.57 -4.82 -19.95
N LYS A 45 -1.48 -6.13 -19.75
CA LYS A 45 -2.59 -7.04 -20.01
C LYS A 45 -2.89 -7.91 -18.79
N LYS A 46 -4.13 -7.86 -18.31
CA LYS A 46 -4.49 -8.50 -17.03
C LYS A 46 -4.38 -10.03 -16.98
N ASP A 47 -4.23 -10.66 -18.14
CA ASP A 47 -4.14 -12.12 -18.25
C ASP A 47 -2.96 -12.70 -17.47
N GLY A 48 -3.26 -13.56 -16.50
CA GLY A 48 -2.25 -14.21 -15.69
C GLY A 48 -2.09 -13.63 -14.30
N LEU A 49 -2.78 -12.52 -14.04
CA LEU A 49 -2.71 -11.84 -12.74
C LEU A 49 -3.59 -12.48 -11.66
N GLY A 50 -4.48 -13.39 -12.06
CA GLY A 50 -5.38 -14.07 -11.13
C GLY A 50 -6.51 -13.18 -10.60
N MET A 51 -6.79 -12.09 -11.30
CA MET A 51 -7.88 -11.20 -10.91
C MET A 51 -9.24 -11.68 -11.40
N THR A 52 -10.29 -11.25 -10.71
CA THR A 52 -11.64 -11.32 -11.22
C THR A 52 -12.17 -9.89 -11.26
N LEU A 53 -12.67 -9.48 -12.43
CA LEU A 53 -13.15 -8.13 -12.63
C LEU A 53 -14.47 -8.11 -13.37
N PRO A 54 -15.29 -7.06 -13.14
CA PRO A 54 -16.46 -6.85 -13.98
C PRO A 54 -16.04 -6.44 -15.40
N SER A 55 -16.96 -6.54 -16.35
CA SER A 55 -16.69 -6.19 -17.75
C SER A 55 -16.22 -4.74 -17.88
N PRO A 56 -15.43 -4.43 -18.94
CA PRO A 56 -15.11 -3.02 -19.22
C PRO A 56 -16.33 -2.14 -19.51
N SER A 57 -17.47 -2.78 -19.80
CA SER A 57 -18.76 -2.09 -19.96
C SER A 57 -19.30 -1.59 -18.63
N PHE A 58 -18.83 -2.19 -17.54
CA PHE A 58 -19.18 -1.82 -16.16
C PHE A 58 -18.89 -0.34 -15.92
N THR A 59 -19.80 0.33 -15.20
CA THR A 59 -19.74 1.78 -15.04
C THR A 59 -19.92 2.20 -13.59
N VAL A 60 -19.78 3.50 -13.33
CA VAL A 60 -20.03 4.06 -12.00
C VAL A 60 -21.50 3.83 -11.60
N ARG A 61 -22.40 3.93 -12.56
CA ARG A 61 -23.82 3.63 -12.35
C ARG A 61 -24.02 2.18 -11.90
N ASP A 62 -23.27 1.27 -12.53
CA ASP A 62 -23.23 -0.15 -12.16
C ASP A 62 -22.72 -0.38 -10.72
N VAL A 63 -21.84 0.49 -10.26
CA VAL A 63 -21.31 0.39 -8.89
C VAL A 63 -22.41 0.73 -7.88
N GLU A 64 -23.10 1.83 -8.13
CA GLU A 64 -24.19 2.31 -7.25
C GLU A 64 -25.21 1.21 -6.94
N HIS A 65 -25.40 0.32 -7.90
CA HIS A 65 -26.32 -0.81 -7.75
C HIS A 65 -25.91 -1.74 -6.61
N TYR A 66 -24.61 -2.05 -6.51
CA TYR A 66 -24.16 -3.07 -5.56
C TYR A 66 -23.87 -2.55 -4.15
N VAL A 67 -23.27 -1.36 -4.06
CA VAL A 67 -22.90 -0.80 -2.76
C VAL A 67 -24.09 -0.15 -2.05
N GLY A 68 -25.04 0.38 -2.81
CA GLY A 68 -26.23 1.04 -2.27
C GLY A 68 -26.01 2.51 -2.04
N SER A 69 -27.10 3.28 -2.03
CA SER A 69 -27.01 4.73 -1.82
C SER A 69 -27.69 5.17 -0.54
N LYS A 71 -25.39 3.72 1.53
CA LYS A 71 -24.13 3.88 2.25
C LYS A 71 -23.51 5.27 2.04
N GLU A 72 -23.08 5.88 3.13
CA GLU A 72 -22.38 7.17 3.09
C GLU A 72 -20.90 6.97 2.76
N ILE A 73 -20.48 7.51 1.62
CA ILE A 73 -19.12 7.39 1.14
C ILE A 73 -18.34 8.67 1.38
N ASP A 74 -17.05 8.51 1.72
CA ASP A 74 -16.17 9.66 1.91
C ASP A 74 -15.64 10.17 0.58
N VAL A 75 -15.71 11.48 0.40
CA VAL A 75 -15.36 12.13 -0.84
C VAL A 75 -14.35 13.24 -0.53
N ILE A 76 -13.45 13.49 -1.48
CA ILE A 76 -12.46 14.55 -1.35
C ILE A 76 -12.76 15.66 -2.36
N ASP A 77 -12.95 16.88 -1.84
CA ASP A 77 -13.08 18.06 -2.68
C ASP A 77 -11.67 18.60 -2.96
N VAL A 78 -11.16 18.31 -4.16
CA VAL A 78 -9.82 18.72 -4.56
C VAL A 78 -9.73 20.24 -4.69
N THR A 79 -10.79 20.83 -5.24
CA THR A 79 -10.89 22.29 -5.45
C THR A 79 -10.51 23.10 -4.20
N ARG A 80 -11.08 22.73 -3.06
CA ARG A 80 -10.84 23.43 -1.79
C ARG A 80 -10.02 22.60 -0.80
N GLN A 81 -9.36 21.56 -1.29
CA GLN A 81 -8.52 20.65 -0.48
C GLN A 81 -9.16 20.24 0.85
N ALA A 82 -10.41 19.79 0.78
CA ALA A 82 -11.18 19.43 1.97
C ALA A 82 -11.85 18.06 1.83
N ASP A 83 -12.10 17.40 2.96
CA ASP A 83 -12.77 16.10 2.99
C ASP A 83 -14.17 16.20 3.59
N CYS A 84 -15.12 15.47 3.00
CA CYS A 84 -16.51 15.50 3.47
C CYS A 84 -17.26 14.18 3.20
N LYS A 85 -18.36 13.98 3.91
CA LYS A 85 -19.20 12.79 3.78
C LYS A 85 -20.46 13.07 2.96
N MET A 86 -20.70 12.23 1.95
CA MET A 86 -21.86 12.38 1.05
C MET A 86 -22.41 11.03 0.59
N LYS A 87 -23.71 10.97 0.36
CA LYS A 87 -24.37 9.76 -0.15
C LYS A 87 -23.86 9.40 -1.55
N LEU A 88 -23.77 8.10 -1.82
CA LEU A 88 -23.24 7.59 -3.10
C LEU A 88 -24.11 8.00 -4.30
N GLY A 89 -25.43 8.02 -4.10
CA GLY A 89 -26.37 8.40 -5.14
C GLY A 89 -26.11 9.81 -5.66
N ASP A 90 -25.81 10.72 -4.72
CA ASP A 90 -25.51 12.11 -5.05
C ASP A 90 -24.16 12.26 -5.78
N PHE A 91 -23.20 11.41 -5.43
CA PHE A 91 -21.90 11.42 -6.09
C PHE A 91 -22.03 11.00 -7.56
N VAL A 92 -22.80 9.94 -7.81
CA VAL A 92 -23.10 9.49 -9.17
C VAL A 92 -23.82 10.59 -9.93
N LYS A 93 -24.74 11.27 -9.25
CA LYS A 93 -25.50 12.39 -9.84
C LYS A 93 -24.59 13.53 -10.25
N TYR A 94 -23.54 13.77 -9.47
CA TYR A 94 -22.51 14.75 -9.82
C TYR A 94 -21.60 14.21 -10.92
N TYR A 95 -21.35 12.90 -10.87
CA TYR A 95 -20.40 12.23 -11.75
C TYR A 95 -20.83 12.28 -13.22
N TYR A 96 -22.13 12.05 -13.45
CA TYR A 96 -22.68 12.06 -14.81
C TYR A 96 -23.29 13.40 -15.19
N SER A 97 -23.07 14.41 -14.34
CA SER A 97 -23.55 15.77 -14.58
C SER A 97 -22.70 16.45 -15.65
N GLY A 98 -23.33 16.85 -16.75
CA GLY A 98 -22.65 17.49 -17.88
C GLY A 98 -22.20 18.91 -17.62
N LYS A 99 -22.35 19.36 -16.38
CA LYS A 99 -21.92 20.69 -15.96
C LYS A 99 -21.34 20.61 -14.55
N ARG A 100 -20.20 19.96 -14.43
CA ARG A 100 -19.56 19.71 -13.14
C ARG A 100 -19.01 20.99 -12.52
N GLU A 101 -19.50 21.30 -11.33
CA GLU A 101 -18.99 22.45 -10.58
C GLU A 101 -17.63 22.07 -10.00
N LYS A 102 -17.65 21.44 -8.83
CA LYS A 102 -16.44 21.04 -8.12
C LYS A 102 -15.64 19.96 -8.86
N VAL A 103 -14.46 19.66 -8.35
CA VAL A 103 -13.66 18.53 -8.82
C VAL A 103 -13.55 17.53 -7.67
N LEU A 104 -14.56 16.66 -7.55
CA LEU A 104 -14.66 15.72 -6.43
C LEU A 104 -14.03 14.37 -6.76
N ASN A 105 -13.59 13.66 -5.72
CA ASN A 105 -12.86 12.41 -5.90
C ASN A 105 -13.16 11.39 -4.80
N VAL A 106 -13.27 10.12 -5.18
CA VAL A 106 -13.45 9.04 -4.21
C VAL A 106 -12.26 8.06 -4.25
N ILE A 107 -11.46 8.07 -3.18
CA ILE A 107 -10.26 7.23 -3.07
C ILE A 107 -10.20 6.51 -1.71
N SER A 108 -11.37 6.27 -1.11
CA SER A 108 -11.45 5.63 0.20
C SER A 108 -12.68 4.74 0.35
N LEU A 109 -13.35 4.47 -0.76
CA LEU A 109 -14.54 3.59 -0.75
C LEU A 109 -14.12 2.13 -0.68
N GLU A 110 -13.80 1.69 0.53
CA GLU A 110 -13.45 0.30 0.78
C GLU A 110 -14.74 -0.52 0.83
N PHE A 111 -14.85 -1.48 -0.09
CA PHE A 111 -16.13 -2.15 -0.36
C PHE A 111 -16.16 -3.67 -0.08
N SER A 112 -15.18 -4.18 0.66
CA SER A 112 -15.06 -5.64 0.87
C SER A 112 -16.14 -6.23 1.80
N ASP A 113 -16.86 -5.38 2.52
CA ASP A 113 -17.97 -5.82 3.37
C ASP A 113 -19.35 -5.56 2.71
N THR A 114 -19.36 -5.36 1.39
CA THR A 114 -20.59 -5.05 0.66
C THR A 114 -21.01 -6.17 -0.31
N ARG A 115 -21.97 -5.87 -1.19
CA ARG A 115 -22.42 -6.82 -2.20
C ARG A 115 -21.48 -6.84 -3.41
N LEU A 116 -20.82 -5.71 -3.66
CA LEU A 116 -19.82 -5.58 -4.72
C LEU A 116 -18.61 -6.48 -4.45
N SER A 117 -18.40 -6.79 -3.18
CA SER A 117 -17.26 -7.58 -2.71
C SER A 117 -17.05 -8.90 -3.45
N ASN A 118 -18.12 -9.53 -3.93
CA ASN A 118 -17.98 -10.79 -4.68
C ASN A 118 -17.92 -10.66 -6.21
N LEU A 119 -17.73 -9.42 -6.68
CA LEU A 119 -17.52 -9.14 -8.10
C LEU A 119 -16.05 -8.94 -8.44
N VAL A 120 -15.26 -8.61 -7.43
CA VAL A 120 -13.86 -8.30 -7.59
C VAL A 120 -13.01 -9.30 -6.83
N GLU A 121 -11.95 -9.77 -7.47
CA GLU A 121 -10.94 -10.59 -6.82
C GLU A 121 -9.58 -10.00 -7.13
N THR A 122 -8.80 -9.78 -6.09
CA THR A 122 -7.54 -9.04 -6.20
C THR A 122 -6.48 -9.87 -6.93
N PRO A 123 -5.35 -9.25 -7.32
CA PRO A 123 -4.35 -10.07 -7.98
C PRO A 123 -3.83 -11.21 -7.09
N LYS A 124 -3.57 -12.35 -7.71
CA LYS A 124 -3.00 -13.54 -7.06
C LYS A 124 -1.75 -13.21 -6.25
N ILE A 125 -0.83 -12.47 -6.86
CA ILE A 125 0.43 -12.10 -6.21
C ILE A 125 0.20 -11.35 -4.89
N VAL A 126 -0.81 -10.48 -4.88
CA VAL A 126 -1.19 -9.73 -3.68
C VAL A 126 -1.70 -10.66 -2.58
N ARG A 127 -2.53 -11.64 -2.93
CA ARG A 127 -3.03 -12.58 -1.92
C ARG A 127 -1.96 -13.52 -1.37
N LYS A 128 -1.01 -13.90 -2.21
CA LYS A 128 0.12 -14.72 -1.76
C LYS A 128 1.08 -13.97 -0.83
N LEU A 129 1.29 -12.69 -1.07
CA LEU A 129 2.23 -11.88 -0.28
C LEU A 129 1.64 -11.28 0.99
N SER A 130 0.37 -10.91 0.91
CA SER A 130 -0.34 -10.21 1.98
C SER A 130 -0.24 -10.82 3.38
N TRP A 131 0.31 -10.03 4.29
CA TRP A 131 0.39 -10.32 5.71
C TRP A 131 -0.98 -10.58 6.33
N VAL A 132 -1.93 -9.67 6.09
CA VAL A 132 -3.26 -9.79 6.70
C VAL A 132 -3.96 -11.05 6.20
N GLU A 133 -3.93 -11.26 4.88
CA GLU A 133 -4.59 -12.39 4.24
C GLU A 133 -4.08 -13.73 4.73
N ASN A 134 -2.77 -13.81 4.97
CA ASN A 134 -2.13 -15.08 5.28
C ASN A 134 -1.82 -15.32 6.77
N LEU A 135 -1.78 -14.24 7.55
CA LEU A 135 -1.22 -14.33 8.90
C LEU A 135 -2.06 -13.68 10.01
N TRP A 136 -3.10 -12.94 9.62
CA TRP A 136 -4.00 -12.38 10.62
C TRP A 136 -4.89 -13.49 11.18
N PRO A 137 -4.84 -13.71 12.50
CA PRO A 137 -5.58 -14.82 13.12
C PRO A 137 -7.10 -14.68 13.05
N GLU A 138 -7.78 -15.83 13.00
CA GLU A 138 -9.24 -15.89 13.12
C GLU A 138 -9.73 -15.28 14.44
N GLU A 139 -9.09 -15.65 15.55
CA GLU A 139 -9.53 -15.19 16.87
C GLU A 139 -8.53 -14.29 17.56
N CYS A 140 -8.93 -13.03 17.73
CA CYS A 140 -8.20 -12.03 18.49
C CYS A 140 -9.13 -10.84 18.71
N VAL A 141 -8.80 -10.03 19.71
CA VAL A 141 -9.67 -8.93 20.11
C VAL A 141 -9.73 -7.76 19.10
N PHE A 142 -8.74 -7.73 18.21
CA PHE A 142 -8.58 -6.62 17.28
C PHE A 142 -9.45 -6.77 16.03
N GLU A 143 -9.85 -5.64 15.45
CA GLU A 143 -10.55 -5.64 14.17
C GLU A 143 -9.54 -5.87 13.05
N ARG A 144 -9.80 -6.87 12.23
CA ARG A 144 -9.00 -7.17 11.05
C ARG A 144 -8.89 -5.92 10.16
N PRO A 145 -7.67 -5.60 9.69
CA PRO A 145 -7.54 -4.49 8.73
C PRO A 145 -8.12 -4.89 7.37
N ASN A 146 -9.13 -4.16 6.91
CA ASN A 146 -9.75 -4.42 5.60
C ASN A 146 -9.43 -3.26 4.66
N VAL A 147 -8.32 -3.38 3.95
CA VAL A 147 -7.78 -2.30 3.09
C VAL A 147 -7.35 -2.88 1.75
N GLN A 148 -7.92 -4.04 1.44
CA GLN A 148 -7.56 -4.80 0.26
C GLN A 148 -8.39 -4.48 -1.01
N LYS A 149 -9.62 -3.97 -0.84
CA LYS A 149 -10.51 -3.69 -1.98
C LYS A 149 -11.14 -2.29 -1.98
N TYR A 150 -10.59 -1.40 -2.78
CA TYR A 150 -11.14 -0.05 -2.92
C TYR A 150 -11.69 0.17 -4.32
N CYS A 151 -12.86 0.82 -4.39
CA CYS A 151 -13.40 1.27 -5.66
C CYS A 151 -13.11 2.75 -5.77
N LEU A 152 -12.33 3.11 -6.78
CA LEU A 152 -11.89 4.48 -6.97
C LEU A 152 -12.60 5.13 -8.15
N MET A 153 -13.14 6.32 -7.89
CA MET A 153 -13.91 7.08 -8.86
C MET A 153 -13.40 8.50 -8.91
N SER A 154 -12.73 8.85 -9.99
CA SER A 154 -12.14 10.17 -10.14
C SER A 154 -12.64 10.86 -11.41
N VAL A 155 -12.85 12.17 -11.32
CA VAL A 155 -13.24 12.97 -12.48
C VAL A 155 -12.02 13.62 -13.13
N ARG A 156 -12.20 14.09 -14.35
CA ARG A 156 -11.18 14.87 -15.08
C ARG A 156 -10.60 15.97 -14.18
N ASP A 157 -9.28 16.16 -14.27
CA ASP A 157 -8.55 17.18 -13.51
C ASP A 157 -8.48 16.95 -12.00
N SER A 158 -8.90 15.76 -11.54
CA SER A 158 -8.65 15.31 -10.17
C SER A 158 -7.16 15.18 -9.93
N TYR A 159 -6.72 15.54 -8.73
CA TYR A 159 -5.33 15.39 -8.35
C TYR A 159 -5.20 15.00 -6.88
N THR A 160 -4.17 14.21 -6.57
CA THR A 160 -3.77 13.97 -5.21
C THR A 160 -2.28 14.31 -5.14
N ASP A 161 -1.92 15.14 -4.17
CA ASP A 161 -0.54 15.58 -3.98
C ASP A 161 0.35 14.39 -3.58
N PHE A 162 1.65 14.62 -3.58
CA PHE A 162 2.64 13.61 -3.21
C PHE A 162 2.44 13.07 -1.78
N HIS A 163 2.43 11.74 -1.70
CA HIS A 163 2.20 11.05 -0.44
C HIS A 163 2.77 9.65 -0.50
N ILE A 164 2.94 9.07 0.69
CA ILE A 164 3.24 7.67 0.85
C ILE A 164 1.96 7.02 1.39
N ASP A 165 1.63 5.86 0.87
CA ASP A 165 0.41 5.17 1.29
C ASP A 165 0.51 4.69 2.72
N PHE A 166 -0.60 4.80 3.44
CA PHE A 166 -0.70 4.48 4.86
C PHE A 166 -0.06 3.14 5.25
N GLY A 167 0.57 3.13 6.42
CA GLY A 167 1.24 1.93 6.95
C GLY A 167 2.42 1.41 6.16
N GLY A 168 2.94 2.19 5.22
CA GLY A 168 3.97 1.70 4.31
C GLY A 168 3.51 0.55 3.43
N THR A 169 2.22 0.55 3.07
CA THR A 169 1.69 -0.53 2.26
C THR A 169 2.16 -0.43 0.81
N SER A 170 2.17 -1.57 0.14
CA SER A 170 2.30 -1.59 -1.31
C SER A 170 0.90 -1.51 -1.86
N VAL A 171 0.78 -1.05 -3.11
CA VAL A 171 -0.54 -0.90 -3.71
C VAL A 171 -0.63 -1.63 -5.04
N TRP A 172 -1.83 -2.10 -5.36
CA TRP A 172 -2.14 -2.55 -6.71
C TRP A 172 -3.26 -1.66 -7.21
N TYR A 173 -3.27 -1.38 -8.52
CA TYR A 173 -4.18 -0.41 -9.07
C TYR A 173 -4.56 -0.77 -10.49
N HIS A 174 -5.82 -1.18 -10.68
CA HIS A 174 -6.32 -1.53 -12.01
C HIS A 174 -7.34 -0.51 -12.53
N VAL A 175 -7.03 0.09 -13.68
CA VAL A 175 -7.94 1.03 -14.32
C VAL A 175 -8.93 0.28 -15.20
N LEU A 176 -10.21 0.38 -14.87
CA LEU A 176 -11.24 -0.30 -15.65
C LEU A 176 -11.71 0.59 -16.79
N LYS A 177 -11.89 1.87 -16.49
CA LYS A 177 -12.25 2.87 -17.48
C LYS A 177 -11.42 4.13 -17.28
N GLY A 178 -11.07 4.77 -18.38
CA GLY A 178 -10.38 6.05 -18.34
C GLY A 178 -8.88 5.89 -18.19
N GLU A 179 -8.28 6.83 -17.48
CA GLU A 179 -6.84 6.88 -17.33
C GLU A 179 -6.45 7.50 -16.00
N LYS A 180 -5.32 7.05 -15.46
CA LYS A 180 -4.67 7.71 -14.34
C LYS A 180 -3.18 7.89 -14.61
N ILE A 181 -2.65 9.04 -14.21
CA ILE A 181 -1.22 9.29 -14.36
C ILE A 181 -0.59 9.40 -12.97
N PHE A 182 0.47 8.62 -12.78
CA PHE A 182 1.19 8.56 -11.51
C PHE A 182 2.53 9.26 -11.68
N TYR A 183 2.87 10.11 -10.72
CA TYR A 183 4.17 10.76 -10.66
C TYR A 183 4.90 10.13 -9.50
N LEU A 184 5.97 9.40 -9.81
CA LEU A 184 6.60 8.46 -8.89
C LEU A 184 8.03 8.82 -8.51
N ILE A 185 8.29 8.87 -7.20
CA ILE A 185 9.61 9.23 -6.68
C ILE A 185 10.14 8.12 -5.77
N ARG A 186 11.34 7.62 -6.07
CA ARG A 186 11.98 6.55 -5.29
C ARG A 186 12.24 6.97 -3.82
N PRO A 187 11.94 6.07 -2.85
CA PRO A 187 12.10 6.33 -1.43
C PRO A 187 13.54 6.11 -0.92
N THR A 188 14.49 6.83 -1.50
CA THR A 188 15.85 6.84 -0.99
C THR A 188 15.85 7.60 0.35
N ASN A 189 16.87 7.37 1.18
CA ASN A 189 17.03 8.12 2.44
C ASN A 189 16.92 9.63 2.23
N ALA A 190 17.55 10.14 1.17
CA ALA A 190 17.51 11.56 0.86
C ALA A 190 16.09 12.02 0.49
N ASN A 191 15.46 11.35 -0.47
CA ASN A 191 14.09 11.72 -0.86
C ASN A 191 13.10 11.65 0.30
N LEU A 192 13.23 10.62 1.14
CA LEU A 192 12.41 10.46 2.34
C LEU A 192 12.62 11.58 3.36
N THR A 193 13.86 12.05 3.47
CA THR A 193 14.19 13.20 4.32
C THR A 193 13.54 14.45 3.75
N LEU A 194 13.80 14.72 2.47
CA LEU A 194 13.20 15.83 1.75
C LEU A 194 11.67 15.76 1.85
N PHE A 195 11.13 14.54 1.77
CA PHE A 195 9.68 14.34 1.84
C PHE A 195 9.10 14.67 3.22
N GLU A 196 9.74 14.15 4.27
CA GLU A 196 9.25 14.39 5.65
C GLU A 196 9.32 15.87 6.00
N CYS A 197 10.36 16.55 5.53
CA CYS A 197 10.53 17.99 5.66
C CYS A 197 9.38 18.74 4.98
N TRP A 198 9.15 18.42 3.71
CA TRP A 198 8.12 19.05 2.88
C TRP A 198 6.70 18.83 3.43
N SER A 199 6.47 17.64 4.00
CA SER A 199 5.16 17.27 4.50
C SER A 199 4.78 18.01 5.78
N SER A 200 5.71 18.09 6.73
CA SER A 200 5.48 18.76 8.02
C SER A 200 5.75 20.27 7.97
N SER A 201 6.06 20.77 6.78
CA SER A 201 6.28 22.19 6.55
C SER A 201 4.97 22.96 6.60
N SER A 202 5.04 24.22 7.05
CA SER A 202 3.89 25.12 7.00
C SER A 202 3.61 25.53 5.55
N ASN A 203 2.34 25.61 5.20
CA ASN A 203 1.91 25.83 3.81
C ASN A 203 2.52 24.80 2.86
N GLN A 204 2.32 23.53 3.20
CA GLN A 204 2.80 22.38 2.43
C GLN A 204 2.17 22.34 1.03
N ASN A 205 0.87 22.67 0.95
CA ASN A 205 0.14 22.65 -0.31
C ASN A 205 0.36 23.89 -1.21
N GLU A 206 1.54 24.49 -1.09
CA GLU A 206 1.94 25.57 -1.99
C GLU A 206 3.12 25.14 -2.87
N MET A 207 4.06 24.39 -2.27
CA MET A 207 5.28 23.94 -2.94
C MET A 207 5.07 22.62 -3.69
N PHE A 208 5.66 22.52 -4.88
CA PHE A 208 5.60 21.30 -5.69
C PHE A 208 6.82 20.40 -5.42
N PHE A 209 6.57 19.20 -4.90
CA PHE A 209 7.63 18.34 -4.37
C PHE A 209 8.52 17.67 -5.41
N GLY A 210 7.97 17.44 -6.60
CA GLY A 210 8.73 16.78 -7.67
C GLY A 210 9.94 17.57 -8.18
N ASP A 211 10.02 18.84 -7.79
CA ASP A 211 11.15 19.69 -8.15
C ASP A 211 12.34 19.49 -7.22
N GLN A 212 12.04 19.03 -6.01
CA GLN A 212 13.05 18.89 -4.94
C GLN A 212 13.94 17.66 -5.09
N VAL A 213 13.55 16.72 -5.96
CA VAL A 213 14.25 15.43 -6.07
C VAL A 213 15.02 15.27 -7.38
N ASP A 214 16.02 14.38 -7.36
CA ASP A 214 16.83 14.05 -8.54
C ASP A 214 15.99 13.54 -9.70
N LYS A 215 15.04 12.65 -9.40
CA LYS A 215 14.26 11.97 -10.43
C LYS A 215 12.79 11.81 -10.04
N CYS A 216 11.91 12.25 -10.94
CA CYS A 216 10.48 12.03 -10.81
C CYS A 216 9.95 11.44 -12.13
N TYR A 217 9.27 10.30 -12.03
CA TYR A 217 8.80 9.54 -13.19
C TYR A 217 7.30 9.70 -13.42
N LYS A 218 6.91 9.81 -14.69
CA LYS A 218 5.50 9.89 -15.06
C LYS A 218 5.04 8.56 -15.64
N CYS A 219 4.06 7.94 -14.99
CA CYS A 219 3.52 6.67 -15.47
C CYS A 219 2.02 6.75 -15.75
N SER A 220 1.67 6.61 -17.03
CA SER A 220 0.26 6.56 -17.43
C SER A 220 -0.29 5.15 -17.21
N VAL A 221 -1.44 5.06 -16.55
CA VAL A 221 -2.14 3.78 -16.42
C VAL A 221 -3.48 3.89 -17.15
N LYS A 222 -3.59 3.15 -18.26
CA LYS A 222 -4.75 3.22 -19.13
C LYS A 222 -5.67 2.03 -18.91
N GLN A 223 -6.80 2.02 -19.59
CA GLN A 223 -7.80 0.95 -19.47
C GLN A 223 -7.22 -0.45 -19.63
N GLY A 224 -7.56 -1.33 -18.70
CA GLY A 224 -7.12 -2.72 -18.74
C GLY A 224 -5.74 -2.97 -18.15
N GLN A 225 -5.06 -1.90 -17.73
CA GLN A 225 -3.69 -1.99 -17.22
C GLN A 225 -3.62 -1.95 -15.68
N THR A 226 -2.58 -2.60 -15.15
CA THR A 226 -2.45 -2.75 -13.71
C THR A 226 -1.07 -2.31 -13.22
N LEU A 227 -1.06 -1.38 -12.27
CA LEU A 227 0.18 -0.90 -11.64
C LEU A 227 0.34 -1.37 -10.20
N PHE A 228 1.54 -1.88 -9.89
CA PHE A 228 1.88 -2.28 -8.54
C PHE A 228 2.96 -1.34 -8.05
N ILE A 229 2.66 -0.61 -6.97
CA ILE A 229 3.61 0.33 -6.38
C ILE A 229 4.23 -0.28 -5.13
N PRO A 230 5.57 -0.31 -5.04
CA PRO A 230 6.22 -0.89 -3.88
C PRO A 230 6.15 0.00 -2.63
N THR A 231 6.67 -0.54 -1.53
CA THR A 231 6.71 0.11 -0.22
C THR A 231 7.41 1.46 -0.23
N GLY A 232 6.74 2.47 0.31
CA GLY A 232 7.36 3.77 0.56
C GLY A 232 7.55 4.71 -0.63
N TRP A 233 7.21 4.25 -1.83
CA TRP A 233 7.31 5.09 -3.01
C TRP A 233 6.38 6.30 -2.88
N ILE A 234 6.94 7.49 -3.13
CA ILE A 234 6.19 8.73 -3.01
C ILE A 234 5.51 8.98 -4.35
N HIS A 235 4.22 9.23 -4.33
CA HIS A 235 3.48 9.39 -5.58
C HIS A 235 2.35 10.42 -5.53
N ALA A 236 2.22 11.17 -6.62
CA ALA A 236 1.07 12.02 -6.87
C ALA A 236 0.25 11.40 -8.00
N VAL A 237 -1.02 11.76 -8.08
CA VAL A 237 -1.90 11.21 -9.11
C VAL A 237 -2.67 12.31 -9.83
N LEU A 238 -2.61 12.30 -11.16
CA LEU A 238 -3.50 13.12 -11.98
C LEU A 238 -4.50 12.22 -12.70
N THR A 239 -5.74 12.68 -12.78
CA THR A 239 -6.78 12.02 -13.57
C THR A 239 -7.12 12.91 -14.75
N PRO A 240 -6.54 12.60 -15.94
CA PRO A 240 -6.77 13.42 -17.15
C PRO A 240 -8.06 13.05 -17.89
N VAL A 241 -8.61 11.87 -17.62
CA VAL A 241 -9.91 11.45 -18.15
C VAL A 241 -10.67 10.79 -17.00
N ASP A 242 -11.98 11.01 -16.94
CA ASP A 242 -12.85 10.37 -15.93
C ASP A 242 -12.46 8.91 -15.76
N CYS A 243 -12.18 8.52 -14.51
CA CYS A 243 -11.64 7.19 -14.24
C CYS A 243 -12.50 6.36 -13.30
N LEU A 244 -12.65 5.08 -13.64
CA LEU A 244 -13.16 4.08 -12.73
C LEU A 244 -12.06 3.04 -12.53
N ALA A 245 -11.62 2.89 -11.28
CA ALA A 245 -10.53 1.97 -11.00
C ALA A 245 -10.83 1.13 -9.77
N PHE A 246 -10.15 -0.01 -9.70
CA PHE A 246 -10.14 -0.82 -8.49
C PHE A 246 -8.71 -0.95 -8.06
N GLY A 247 -8.51 -1.05 -6.75
CA GLY A 247 -7.18 -1.12 -6.19
C GLY A 247 -7.24 -1.46 -4.72
N GLY A 248 -6.06 -1.55 -4.10
CA GLY A 248 -5.97 -1.91 -2.69
C GLY A 248 -4.54 -1.92 -2.22
N ASN A 249 -4.39 -2.19 -0.92
CA ASN A 249 -3.14 -2.01 -0.22
C ASN A 249 -2.83 -3.27 0.56
N PHE A 250 -1.54 -3.55 0.74
CA PHE A 250 -1.12 -4.77 1.41
C PHE A 250 0.29 -4.61 2.00
N LEU A 251 0.59 -5.45 2.99
CA LEU A 251 1.93 -5.54 3.55
C LEU A 251 2.50 -6.91 3.21
N HIS A 252 3.83 -6.99 3.18
CA HIS A 252 4.53 -8.22 2.81
C HIS A 252 5.92 -8.23 3.45
N SER A 253 6.64 -9.34 3.24
CA SER A 253 7.91 -9.58 3.95
C SER A 253 9.17 -9.30 3.13
N LEU A 254 9.01 -8.71 1.93
CA LEU A 254 10.16 -8.49 1.06
C LEU A 254 11.01 -7.27 1.42
N ASN A 255 10.39 -6.27 2.05
CA ASN A 255 11.08 -5.01 2.41
C ASN A 255 10.64 -4.53 3.80
N ILE A 256 10.79 -5.36 4.82
CA ILE A 256 10.25 -5.03 6.14
C ILE A 256 10.82 -3.72 6.70
N GLU A 257 12.12 -3.49 6.54
CA GLU A 257 12.73 -2.23 6.99
C GLU A 257 12.05 -1.01 6.35
N MET A 258 11.76 -1.09 5.06
CA MET A 258 11.08 0.00 4.35
C MET A 258 9.65 0.22 4.87
N GLN A 259 8.93 -0.86 5.15
CA GLN A 259 7.56 -0.77 5.70
C GLN A 259 7.56 -0.07 7.04
N LEU A 260 8.52 -0.43 7.88
CA LEU A 260 8.67 0.19 9.20
C LEU A 260 9.14 1.64 9.10
N LYS A 261 10.06 1.91 8.18
CA LYS A 261 10.48 3.29 7.91
C LYS A 261 9.29 4.15 7.52
N ALA A 262 8.51 3.67 6.55
CA ALA A 262 7.33 4.42 6.07
C ALA A 262 6.29 4.59 7.16
N TYR A 263 6.00 3.52 7.88
CA TYR A 263 5.10 3.59 9.03
C TYR A 263 5.51 4.66 10.01
N GLU A 264 6.78 4.71 10.34
CA GLU A 264 7.24 5.60 11.40
C GLU A 264 7.33 7.07 10.96
N ILE A 265 7.39 7.30 9.65
CA ILE A 265 7.30 8.64 9.08
C ILE A 265 5.91 9.23 9.31
N GLU A 266 4.85 8.49 9.01
CA GLU A 266 3.51 8.98 9.30
C GLU A 266 3.22 9.09 10.81
N LYS A 267 4.01 8.39 11.62
CA LYS A 267 3.97 8.54 13.07
C LYS A 267 4.42 9.93 13.50
N ARG A 268 5.56 10.37 12.97
CA ARG A 268 6.14 11.69 13.28
C ARG A 268 5.37 12.84 12.62
N LEU A 269 4.71 12.56 11.51
CA LEU A 269 3.89 13.55 10.80
C LEU A 269 2.51 13.70 11.44
N SER A 270 2.00 12.61 12.00
CA SER A 270 0.67 12.53 12.63
C SER A 270 -0.48 12.78 11.66
N PHE A 275 -6.74 6.68 6.26
CA PHE A 275 -5.69 7.54 6.80
C PHE A 275 -4.60 6.77 7.55
N ARG A 276 -4.97 5.65 8.18
CA ARG A 276 -4.01 4.82 8.90
C ARG A 276 -4.30 3.35 8.70
N PHE A 277 -3.24 2.57 8.49
CA PHE A 277 -3.37 1.11 8.48
C PHE A 277 -3.67 0.68 9.92
N PRO A 278 -4.93 0.31 10.19
CA PRO A 278 -5.33 0.01 11.57
C PRO A 278 -4.60 -1.24 12.07
N ASN A 279 -4.11 -1.16 13.30
CA ASN A 279 -3.37 -2.26 13.94
C ASN A 279 -2.13 -2.71 13.16
N PHE A 280 -1.41 -1.74 12.60
CA PHE A 280 -0.15 -2.01 11.91
C PHE A 280 0.84 -2.78 12.80
N GLU A 281 1.02 -2.32 14.03
CA GLU A 281 1.96 -2.98 14.95
C GLU A 281 1.52 -4.37 15.32
N THR A 282 0.21 -4.55 15.49
CA THR A 282 -0.39 -5.84 15.82
C THR A 282 -0.01 -6.92 14.81
N ILE A 283 -0.15 -6.61 13.53
CA ILE A 283 0.24 -7.55 12.47
C ILE A 283 1.75 -7.82 12.46
N CYS A 284 2.57 -6.80 12.73
CA CYS A 284 4.03 -6.97 12.84
C CYS A 284 4.38 -8.00 13.92
N TRP A 285 3.71 -7.90 15.07
CA TRP A 285 3.91 -8.84 16.18
C TRP A 285 3.59 -10.28 15.73
N TYR A 286 2.43 -10.47 15.11
CA TYR A 286 2.08 -11.78 14.54
C TYR A 286 3.08 -12.26 13.48
N VAL A 287 3.57 -11.34 12.65
CA VAL A 287 4.53 -11.70 11.61
C VAL A 287 5.88 -12.08 12.22
N GLY A 288 6.28 -11.39 13.29
CA GLY A 288 7.49 -11.72 14.02
C GLY A 288 7.48 -13.13 14.58
N LYS A 289 6.31 -13.56 15.06
CA LYS A 289 6.11 -14.93 15.56
C LYS A 289 6.21 -15.95 14.42
N HIS A 290 5.68 -15.58 13.26
CA HIS A 290 5.74 -16.43 12.08
C HIS A 290 7.17 -16.55 11.54
N ILE A 291 7.87 -15.42 11.47
CA ILE A 291 9.25 -15.35 11.01
C ILE A 291 10.19 -16.14 11.94
N LEU A 292 9.90 -16.12 13.23
CA LEU A 292 10.59 -16.96 14.20
C LEU A 292 10.46 -18.44 13.87
N ASP A 293 9.25 -18.86 13.48
CA ASP A 293 9.00 -20.26 13.12
C ASP A 293 9.70 -20.66 11.83
N ILE A 294 9.66 -19.78 10.82
CA ILE A 294 10.38 -20.00 9.57
C ILE A 294 11.86 -20.26 9.87
N PHE A 295 12.47 -19.41 10.68
CA PHE A 295 13.88 -19.57 11.08
C PHE A 295 14.14 -20.92 11.75
N ARG A 296 13.40 -21.21 12.82
CA ARG A 296 13.51 -22.49 13.53
C ARG A 296 13.40 -23.69 12.60
N GLY A 297 12.36 -23.70 11.77
CA GLY A 297 12.09 -24.80 10.84
C GLY A 297 13.17 -24.98 9.80
N LEU A 298 13.75 -23.86 9.36
CA LEU A 298 14.83 -23.88 8.36
C LEU A 298 16.15 -24.35 8.95
N ARG A 299 16.40 -23.99 10.21
CA ARG A 299 17.59 -24.43 10.91
C ARG A 299 17.55 -25.94 11.17
N GLU A 300 16.39 -26.43 11.60
CA GLU A 300 16.21 -27.86 11.90
C GLU A 300 16.25 -28.74 10.64
N ASN A 301 16.10 -28.11 9.49
CA ASN A 301 16.19 -28.78 8.20
C ASN A 301 17.48 -28.46 7.45
N ARG A 302 18.46 -27.91 8.18
CA ARG A 302 19.79 -27.57 7.64
C ARG A 302 19.73 -26.65 6.41
N ARG A 303 18.79 -25.72 6.41
CA ARG A 303 18.63 -24.77 5.32
C ARG A 303 18.81 -23.34 5.82
N HIS A 304 19.35 -22.50 4.94
CA HIS A 304 19.55 -21.09 5.25
C HIS A 304 18.40 -20.23 4.69
N PRO A 305 17.90 -19.28 5.49
CA PRO A 305 16.80 -18.43 5.05
C PRO A 305 17.26 -17.42 4.01
N ALA A 306 16.32 -16.95 3.19
CA ALA A 306 16.61 -15.88 2.24
C ALA A 306 17.17 -14.66 2.94
N SER A 307 18.12 -14.00 2.27
CA SER A 307 18.81 -12.82 2.79
C SER A 307 17.86 -11.69 3.23
N TYR A 308 16.81 -11.44 2.44
CA TYR A 308 15.87 -10.36 2.73
C TYR A 308 15.07 -10.62 4.01
N LEU A 309 14.90 -11.89 4.35
CA LEU A 309 14.15 -12.31 5.54
C LEU A 309 14.99 -12.06 6.80
N VAL A 310 16.29 -12.31 6.71
CA VAL A 310 17.25 -12.02 7.80
C VAL A 310 17.28 -10.51 8.07
N HIS A 311 17.52 -9.72 7.03
CA HIS A 311 17.46 -8.25 7.07
C HIS A 311 16.15 -7.77 7.69
N GLY A 312 15.04 -8.25 7.15
CA GLY A 312 13.71 -7.87 7.60
C GLY A 312 13.46 -8.30 9.03
N GLY A 313 13.85 -9.54 9.35
CA GLY A 313 13.79 -10.06 10.71
C GLY A 313 14.53 -9.20 11.72
N LYS A 314 15.72 -8.73 11.35
CA LYS A 314 16.47 -7.81 12.21
C LYS A 314 15.76 -6.48 12.40
N ALA A 315 15.29 -5.90 11.29
CA ALA A 315 14.56 -4.63 11.35
C ALA A 315 13.31 -4.75 12.23
N LEU A 316 12.58 -5.86 12.06
CA LEU A 316 11.45 -6.18 12.93
C LEU A 316 11.81 -6.20 14.40
N ASN A 317 12.89 -6.91 14.73
CA ASN A 317 13.30 -7.02 16.12
C ASN A 317 13.75 -5.68 16.72
N LEU A 318 14.36 -4.84 15.90
CA LEU A 318 14.69 -3.48 16.31
C LEU A 318 13.44 -2.70 16.69
N ALA A 319 12.40 -2.81 15.88
CA ALA A 319 11.13 -2.12 16.12
C ALA A 319 10.48 -2.68 17.38
N PHE A 320 10.57 -4.00 17.56
CA PHE A 320 10.04 -4.66 18.75
C PHE A 320 10.65 -4.13 20.04
N ARG A 321 11.97 -3.96 20.04
CA ARG A 321 12.69 -3.36 21.18
C ARG A 321 12.32 -1.89 21.40
N ALA A 322 12.21 -1.12 20.33
CA ALA A 322 11.85 0.29 20.46
C ALA A 322 10.44 0.48 21.02
N TRP A 323 9.49 -0.32 20.52
CA TRP A 323 8.10 -0.25 21.00
C TRP A 323 7.93 -0.70 22.45
N THR A 324 8.84 -1.54 22.93
CA THR A 324 8.67 -2.14 24.26
C THR A 324 9.59 -1.57 25.32
N ARG A 325 10.39 -0.56 24.96
CA ARG A 325 11.17 0.21 25.94
C ARG A 325 10.24 0.83 26.97
N LYS A 326 10.75 1.03 28.19
CA LYS A 326 9.96 1.60 29.28
C LYS A 326 9.29 2.90 28.85
N GLU A 327 10.07 3.82 28.30
CA GLU A 327 9.60 5.15 27.92
C GLU A 327 8.61 5.13 26.75
N ALA A 328 8.70 4.12 25.89
CA ALA A 328 7.83 4.00 24.72
C ALA A 328 6.57 3.19 24.98
N LEU A 329 6.66 2.21 25.89
CA LEU A 329 5.63 1.18 26.07
C LEU A 329 4.18 1.68 26.17
N PRO A 330 3.93 2.78 26.94
CA PRO A 330 2.55 3.27 27.04
C PRO A 330 1.89 3.60 25.70
N ASP A 331 2.69 3.99 24.70
CA ASP A 331 2.17 4.31 23.37
C ASP A 331 1.95 3.08 22.49
N HIS A 332 2.40 1.91 22.96
CA HIS A 332 2.47 0.73 22.11
C HIS A 332 1.78 -0.51 22.66
N GLU A 333 1.58 -0.57 23.98
CA GLU A 333 1.08 -1.78 24.65
C GLU A 333 -0.27 -2.26 24.11
N ASP A 334 -1.16 -1.33 23.80
CA ASP A 334 -2.53 -1.64 23.37
C ASP A 334 -2.62 -2.35 22.01
N GLU A 335 -1.50 -2.47 21.31
CA GLU A 335 -1.46 -3.16 20.03
C GLU A 335 -0.80 -4.53 20.13
N ILE A 336 -0.13 -4.79 21.25
CA ILE A 336 0.48 -6.09 21.50
C ILE A 336 -0.60 -7.13 21.78
N PRO A 337 -0.65 -8.19 20.96
CA PRO A 337 -1.65 -9.21 21.23
C PRO A 337 -1.27 -10.01 22.47
N GLU A 338 -2.29 -10.35 23.27
CA GLU A 338 -2.10 -11.13 24.50
C GLU A 338 -1.44 -12.48 24.25
N THR A 339 -1.52 -12.97 23.02
CA THR A 339 -0.95 -14.27 22.65
C THR A 339 0.53 -14.17 22.29
N VAL A 340 1.12 -13.01 22.53
CA VAL A 340 2.54 -12.77 22.25
C VAL A 340 3.28 -12.40 23.53
N ARG A 341 4.26 -13.23 23.88
CA ARG A 341 5.17 -12.91 24.98
C ARG A 341 6.33 -12.13 24.40
N THR A 342 6.30 -10.81 24.63
CA THR A 342 7.20 -9.83 24.03
C THR A 342 8.70 -10.11 24.20
N VAL A 343 9.13 -10.29 25.46
CA VAL A 343 10.53 -10.49 25.77
C VAL A 343 11.04 -11.81 25.21
N GLN A 344 10.24 -12.87 25.32
CA GLN A 344 10.62 -14.17 24.79
C GLN A 344 10.75 -14.09 23.26
N LEU A 345 9.79 -13.45 22.59
CA LEU A 345 9.83 -13.32 21.14
C LEU A 345 11.09 -12.59 20.70
N ILE A 346 11.39 -11.48 21.36
CA ILE A 346 12.57 -10.69 21.04
C ILE A 346 13.83 -11.51 21.26
N LYS A 347 13.91 -12.19 22.40
CA LYS A 347 15.03 -13.08 22.73
C LYS A 347 15.20 -14.20 21.69
N ASP A 348 14.09 -14.80 21.27
CA ASP A 348 14.12 -15.96 20.38
C ASP A 348 14.46 -15.59 18.94
N LEU A 349 13.90 -14.48 18.47
CA LEU A 349 14.24 -13.93 17.16
C LEU A 349 15.73 -13.55 17.07
N ALA A 350 16.24 -12.93 18.13
CA ALA A 350 17.64 -12.53 18.20
C ALA A 350 18.60 -13.74 18.10
N ARG A 351 18.29 -14.82 18.81
CA ARG A 351 19.13 -16.03 18.79
C ARG A 351 19.19 -16.66 17.40
N GLU A 352 18.01 -16.87 16.79
CA GLU A 352 17.92 -17.46 15.46
C GLU A 352 18.69 -16.66 14.40
N ILE A 353 18.63 -15.33 14.51
CA ILE A 353 19.37 -14.44 13.60
C ILE A 353 20.88 -14.53 13.84
N ARG A 354 21.28 -14.53 15.12
CA ARG A 354 22.68 -14.69 15.49
C ARG A 354 23.25 -16.01 14.98
N LEU A 355 22.50 -17.09 15.18
CA LEU A 355 22.89 -18.41 14.68
C LEU A 355 23.12 -18.45 13.16
N VAL A 356 22.30 -17.71 12.41
CA VAL A 356 22.45 -17.63 10.96
C VAL A 356 23.66 -16.77 10.59
N GLU A 357 23.98 -15.77 11.43
CA GLU A 357 25.07 -14.85 11.12
C GLU A 357 26.43 -15.22 11.73
N ASP A 358 26.41 -15.95 12.85
CA ASP A 358 27.64 -16.39 13.52
C ASP A 358 28.44 -17.30 12.61
N ILE A 359 29.66 -16.89 12.30
CA ILE A 359 30.49 -17.59 11.33
C ILE A 359 31.05 -18.94 11.79
N PHE A 360 31.01 -19.19 13.09
CA PHE A 360 31.56 -20.45 13.62
C PHE A 360 30.60 -21.64 13.57
N GLN A 361 29.37 -21.38 13.10
CA GLN A 361 28.50 -22.41 12.47
C GLN A 361 27.28 -21.77 11.81
#